data_2YMO
#
_entry.id   2YMO
#
_cell.length_a   41.660
_cell.length_b   76.870
_cell.length_c   85.050
_cell.angle_alpha   90.00
_cell.angle_beta   90.00
_cell.angle_gamma   90.00
#
_symmetry.space_group_name_H-M   'P 21 21 21'
#
loop_
_entity.id
_entity.type
_entity.pdbx_description
1 polymer PF12
2 water water
#
_entity_poly.entity_id   1
_entity_poly.type   'polypeptide(L)'
_entity_poly.pdbx_seq_one_letter_code
;GSAMGNLTCDFNDVYKLEFHPNQQTSVTKLCNLTPNVLEKVTIKCGSDKLNYNLYPPTCFEEVYASRNMMHLKKIKEFVI
GSSMFMRRSLTPNKINEVSFRIPPNMMPEKPIYCFCENKKTITINGSNGNPSSKKDIINRGIVEIIIPSLNEKVKGCDFT
TSESTIFSKGYSINEISNKSSNNQQDIVCTVKAHANDLIGFKCPSNYSVEPHDCFVSAFNLSGKNENLENKLKLTNIIMD
HYNNTFYSRLPSLISDNWKFFCVCSKDNEKKLVFTVEASISSAAALVPR
;
_entity_poly.pdbx_strand_id   A
#
# COMPACT_ATOMS: atom_id res chain seq x y z
N LEU A 7 9.12 8.40 8.08
CA LEU A 7 7.73 7.93 8.27
C LEU A 7 7.68 6.96 9.42
N THR A 8 8.45 7.29 10.45
CA THR A 8 8.38 6.56 11.71
C THR A 8 8.10 7.55 12.84
N CYS A 9 7.22 7.16 13.75
CA CYS A 9 7.09 7.88 15.01
C CYS A 9 7.60 6.98 16.10
N ASP A 10 8.77 7.32 16.60
CA ASP A 10 9.45 6.52 17.60
C ASP A 10 9.35 7.25 18.94
N PHE A 11 8.40 6.84 19.78
CA PHE A 11 8.21 7.52 21.05
C PHE A 11 9.13 6.91 22.09
N ASN A 12 9.82 5.86 21.66
CA ASN A 12 10.71 5.13 22.53
C ASN A 12 12.08 5.83 22.61
N ASP A 13 12.63 6.22 21.47
CA ASP A 13 13.98 6.79 21.46
C ASP A 13 14.11 8.12 20.75
N VAL A 14 13.05 8.55 20.07
CA VAL A 14 13.13 9.76 19.24
C VAL A 14 12.30 10.94 19.81
N TYR A 15 10.97 10.78 19.82
CA TYR A 15 10.09 11.70 20.54
C TYR A 15 9.89 11.17 21.95
N LYS A 16 10.89 11.33 22.81
CA LYS A 16 10.95 10.50 24.02
C LYS A 16 9.87 10.92 25.02
N LEU A 17 9.19 9.97 25.65
CA LEU A 17 8.09 10.32 26.57
C LEU A 17 8.46 10.08 28.03
N GLU A 18 9.70 9.66 28.25
CA GLU A 18 10.30 9.61 29.59
C GLU A 18 9.91 10.82 30.41
N PHE A 19 9.38 10.57 31.59
CA PHE A 19 9.17 11.64 32.56
C PHE A 19 10.48 12.33 32.97
N HIS A 20 10.33 13.57 33.43
CA HIS A 20 11.43 14.31 34.02
C HIS A 20 11.17 14.43 35.51
N PRO A 21 12.23 14.72 36.27
CA PRO A 21 12.06 14.76 37.73
C PRO A 21 11.16 15.91 38.15
N ASN A 22 10.20 15.61 39.03
CA ASN A 22 9.28 16.61 39.58
C ASN A 22 8.49 17.38 38.50
N GLN A 23 8.07 16.68 37.44
CA GLN A 23 7.19 17.28 36.46
C GLN A 23 5.90 17.71 37.14
N GLN A 24 5.46 18.94 36.87
CA GLN A 24 4.18 19.42 37.41
C GLN A 24 2.99 19.09 36.51
N THR A 25 3.26 18.91 35.23
CA THR A 25 2.23 18.84 34.22
C THR A 25 2.73 17.92 33.08
N SER A 26 1.87 17.62 32.12
CA SER A 26 2.22 16.72 31.01
C SER A 26 3.31 17.30 30.09
N VAL A 27 4.05 16.42 29.44
CA VAL A 27 4.75 16.77 28.21
C VAL A 27 4.12 16.04 27.01
N THR A 28 3.84 16.81 25.97
CA THR A 28 3.14 16.34 24.80
C THR A 28 4.06 16.51 23.62
N LYS A 29 4.18 15.46 22.85
CA LYS A 29 5.03 15.49 21.69
C LYS A 29 4.17 15.21 20.49
N LEU A 30 4.50 15.84 19.38
CA LEU A 30 3.69 15.72 18.18
C LEU A 30 4.50 15.18 17.04
N CYS A 31 4.00 14.13 16.42
CA CYS A 31 4.70 13.50 15.31
C CYS A 31 3.75 13.47 14.13
N ASN A 32 3.97 14.39 13.20
CA ASN A 32 3.07 14.57 12.06
C ASN A 32 3.59 13.99 10.75
N LEU A 33 2.81 13.10 10.16
CA LEU A 33 3.27 12.34 8.99
C LEU A 33 2.42 12.65 7.80
N THR A 34 3.06 12.71 6.64
CA THR A 34 2.38 13.01 5.38
C THR A 34 2.72 11.94 4.32
N PRO A 35 2.40 10.67 4.59
CA PRO A 35 2.73 9.55 3.69
C PRO A 35 2.10 9.74 2.32
N ASN A 36 2.73 9.18 1.30
CA ASN A 36 2.06 9.03 0.01
C ASN A 36 1.26 7.74 0.05
N VAL A 37 0.36 7.57 -0.92
CA VAL A 37 -0.53 6.42 -0.89
C VAL A 37 0.32 5.14 -0.87
N LEU A 38 -0.03 4.18 0.01
CA LEU A 38 0.64 2.87 0.06
C LEU A 38 2.02 2.88 0.71
N GLU A 39 2.45 4.05 1.16
CA GLU A 39 3.67 4.15 1.94
C GLU A 39 3.52 3.49 3.28
N LYS A 40 4.63 2.98 3.80
CA LYS A 40 4.61 2.32 5.08
C LYS A 40 4.87 3.32 6.21
N VAL A 41 3.97 3.34 7.19
CA VAL A 41 4.22 4.10 8.39
C VAL A 41 4.44 3.16 9.56
N THR A 42 5.45 3.47 10.36
CA THR A 42 5.72 2.72 11.55
C THR A 42 5.62 3.59 12.77
N ILE A 43 4.99 3.06 13.80
CA ILE A 43 4.88 3.71 15.07
C ILE A 43 5.47 2.78 16.13
N LYS A 44 6.48 3.29 16.84
CA LYS A 44 7.08 2.54 17.95
C LYS A 44 6.68 3.18 19.29
N CYS A 45 5.99 2.43 20.12
CA CYS A 45 5.44 2.97 21.35
C CYS A 45 5.43 1.95 22.48
N GLY A 46 6.47 1.94 23.29
CA GLY A 46 6.52 1.01 24.41
C GLY A 46 7.39 -0.19 24.05
N SER A 47 7.86 -0.88 25.08
CA SER A 47 8.71 -2.06 24.91
C SER A 47 8.79 -2.84 26.21
N ASP A 48 9.77 -3.75 26.29
CA ASP A 48 10.06 -4.47 27.54
C ASP A 48 10.24 -3.54 28.76
N LYS A 49 11.06 -2.50 28.59
CA LYS A 49 11.43 -1.57 29.69
C LYS A 49 10.53 -0.33 29.73
N LEU A 50 10.32 0.27 28.55
CA LEU A 50 9.45 1.43 28.41
C LEU A 50 7.98 1.03 28.46
N ASN A 51 7.29 1.41 29.52
CA ASN A 51 5.92 1.01 29.69
C ASN A 51 4.93 2.00 29.07
N TYR A 52 4.88 2.07 27.75
CA TYR A 52 3.93 2.94 27.08
C TYR A 52 2.87 2.15 26.32
N ASN A 53 1.64 2.68 26.30
CA ASN A 53 0.53 2.11 25.55
C ASN A 53 0.13 3.00 24.36
N LEU A 54 -0.31 2.38 23.28
CA LEU A 54 -0.79 3.09 22.10
C LEU A 54 -2.33 3.01 22.03
N TYR A 55 -2.97 4.16 21.83
CA TYR A 55 -4.42 4.23 21.64
C TYR A 55 -4.78 4.90 20.30
N PRO A 56 -5.68 4.26 19.52
CA PRO A 56 -6.19 2.92 19.82
C PRO A 56 -5.13 1.90 19.47
N PRO A 57 -5.25 0.67 20.03
CA PRO A 57 -4.09 -0.20 20.13
C PRO A 57 -3.42 -0.44 18.79
N THR A 58 -4.15 -0.21 17.70
CA THR A 58 -3.59 -0.46 16.37
C THR A 58 -3.43 0.82 15.49
N CYS A 59 -3.66 1.98 16.10
CA CYS A 59 -3.58 3.30 15.44
C CYS A 59 -4.56 3.37 14.27
N PHE A 60 -4.07 3.19 13.04
CA PHE A 60 -4.97 3.16 11.87
C PHE A 60 -5.58 1.76 11.64
N GLU A 61 -6.77 1.54 12.20
CA GLU A 61 -7.37 0.21 12.20
C GLU A 61 -6.97 -0.57 10.96
N ILE A 95 10.43 -2.59 20.49
CA ILE A 95 9.41 -3.59 20.77
C ILE A 95 8.02 -3.06 20.37
N ASN A 96 7.08 -2.92 21.31
CA ASN A 96 5.67 -2.71 20.92
C ASN A 96 5.57 -1.79 19.70
N GLU A 97 5.18 -2.34 18.55
CA GLU A 97 5.37 -1.67 17.25
C GLU A 97 4.21 -1.95 16.29
N VAL A 98 3.80 -0.94 15.53
CA VAL A 98 2.80 -1.14 14.49
C VAL A 98 3.22 -0.51 13.17
N SER A 99 2.93 -1.22 12.08
CA SER A 99 3.06 -0.66 10.75
C SER A 99 1.78 -0.87 9.96
N PHE A 100 1.49 0.04 9.06
CA PHE A 100 0.37 -0.11 8.18
C PHE A 100 0.70 0.71 6.97
N ARG A 101 -0.09 0.55 5.92
CA ARG A 101 0.04 1.42 4.78
C ARG A 101 -1.31 1.96 4.40
N ILE A 102 -1.33 3.23 4.00
CA ILE A 102 -2.56 3.86 3.63
C ILE A 102 -2.90 3.36 2.25
N PRO A 103 -4.11 2.84 2.10
CA PRO A 103 -4.65 2.29 0.87
C PRO A 103 -4.80 3.40 -0.17
N PRO A 104 -4.96 3.02 -1.45
CA PRO A 104 -5.26 4.01 -2.48
C PRO A 104 -6.74 4.39 -2.40
N ASN A 105 -7.01 5.66 -2.17
CA ASN A 105 -8.38 6.13 -1.96
C ASN A 105 -8.67 7.42 -2.74
N MET A 106 -9.90 7.55 -3.26
CA MET A 106 -10.29 8.79 -3.92
CA MET A 106 -10.30 8.79 -3.92
C MET A 106 -11.24 9.64 -3.07
N MET A 107 -11.38 9.28 -1.80
CA MET A 107 -12.28 9.98 -0.88
C MET A 107 -11.45 10.73 0.15
N PRO A 108 -11.44 12.07 0.08
CA PRO A 108 -10.62 12.87 1.00
C PRO A 108 -11.06 12.61 2.45
N GLU A 109 -10.10 12.45 3.36
CA GLU A 109 -10.43 12.14 4.75
C GLU A 109 -9.72 13.13 5.64
N LYS A 110 -10.27 13.35 6.83
CA LYS A 110 -9.59 14.11 7.88
C LYS A 110 -8.42 13.30 8.46
N PRO A 111 -7.43 13.99 9.05
CA PRO A 111 -6.31 13.23 9.57
C PRO A 111 -6.73 12.18 10.57
N ILE A 112 -5.93 11.13 10.66
CA ILE A 112 -6.09 10.14 11.69
C ILE A 112 -5.07 10.38 12.81
N TYR A 113 -5.55 10.33 14.04
CA TYR A 113 -4.72 10.56 15.20
C TYR A 113 -4.65 9.30 16.02
N CYS A 114 -3.46 9.02 16.55
CA CYS A 114 -3.38 8.07 17.64
C CYS A 114 -2.41 8.55 18.71
N PHE A 115 -2.54 7.98 19.91
CA PHE A 115 -1.90 8.49 21.13
C PHE A 115 -1.04 7.42 21.80
N CYS A 116 0.26 7.71 21.92
CA CYS A 116 1.15 6.88 22.73
C CYS A 116 1.27 7.50 24.11
N GLU A 117 0.81 6.80 25.14
CA GLU A 117 0.69 7.37 26.47
C GLU A 117 1.65 6.77 27.50
N ASN A 118 2.33 7.66 28.23
CA ASN A 118 3.09 7.31 29.43
C ASN A 118 2.46 7.92 30.71
N LYS A 119 2.16 7.08 31.70
CA LYS A 119 1.42 7.52 32.88
C LYS A 119 2.25 7.49 34.17
N LYS A 120 1.70 8.10 35.22
CA LYS A 120 2.34 8.16 36.54
C LYS A 120 1.34 8.62 37.59
N ASP A 136 -2.53 12.51 38.50
CA ASP A 136 -2.26 11.76 37.27
C ASP A 136 -1.56 12.65 36.26
N ILE A 137 -0.29 12.37 35.98
CA ILE A 137 0.33 13.00 34.82
C ILE A 137 0.62 12.02 33.69
N ILE A 138 0.23 12.43 32.48
CA ILE A 138 0.52 11.63 31.31
C ILE A 138 1.30 12.41 30.26
N ASN A 139 2.48 11.91 29.92
CA ASN A 139 3.15 12.36 28.71
C ASN A 139 2.57 11.65 27.53
N ARG A 140 2.29 12.39 26.47
CA ARG A 140 1.66 11.76 25.34
C ARG A 140 2.32 12.13 24.05
N GLY A 141 2.54 11.12 23.21
CA GLY A 141 2.93 11.37 21.86
C GLY A 141 1.68 11.27 21.01
N ILE A 142 1.43 12.32 20.24
CA ILE A 142 0.28 12.37 19.35
C ILE A 142 0.74 12.21 17.93
N VAL A 143 0.32 11.12 17.31
CA VAL A 143 0.59 10.88 15.91
C VAL A 143 -0.52 11.50 15.12
N GLU A 144 -0.17 12.36 14.15
CA GLU A 144 -1.13 12.83 13.17
C GLU A 144 -0.73 12.32 11.79
N ILE A 145 -1.61 11.56 11.16
CA ILE A 145 -1.35 11.10 9.80
C ILE A 145 -2.30 11.80 8.87
N ILE A 146 -1.76 12.67 8.01
CA ILE A 146 -2.55 13.26 6.95
C ILE A 146 -2.81 12.19 5.91
N ILE A 147 -4.07 11.99 5.57
CA ILE A 147 -4.41 10.94 4.64
C ILE A 147 -4.32 11.48 3.22
N PRO A 148 -3.37 10.97 2.43
CA PRO A 148 -3.31 11.38 1.03
C PRO A 148 -4.53 10.82 0.29
N SER A 149 -4.98 11.56 -0.71
CA SER A 149 -6.08 11.17 -1.55
C SER A 149 -5.53 11.17 -2.97
N LEU A 150 -5.99 10.25 -3.79
CA LEU A 150 -5.54 10.22 -5.16
C LEU A 150 -6.34 11.17 -6.05
N ASN A 151 -5.69 11.69 -7.08
CA ASN A 151 -6.37 12.56 -8.03
C ASN A 151 -7.04 11.82 -9.19
N GLU A 152 -6.68 10.55 -9.38
CA GLU A 152 -7.37 9.68 -10.32
C GLU A 152 -7.25 8.24 -9.81
N LYS A 153 -8.07 7.36 -10.37
CA LYS A 153 -8.02 5.91 -10.08
C LYS A 153 -6.62 5.33 -10.33
N VAL A 154 -6.26 4.26 -9.62
CA VAL A 154 -4.98 3.59 -9.87
C VAL A 154 -5.05 2.94 -11.23
N LYS A 155 -4.03 3.19 -12.03
CA LYS A 155 -3.94 2.59 -13.34
C LYS A 155 -3.90 1.08 -13.19
N GLY A 156 -4.90 0.40 -13.70
CA GLY A 156 -4.90 -1.07 -13.69
C GLY A 156 -6.30 -1.59 -13.58
N CYS A 157 -6.46 -2.75 -12.93
CA CYS A 157 -7.53 -3.65 -13.36
C CYS A 157 -8.13 -4.29 -12.13
N ASP A 158 -9.42 -4.07 -11.89
CA ASP A 158 -10.13 -4.72 -10.79
C ASP A 158 -10.99 -5.83 -11.39
N PHE A 159 -10.56 -7.06 -11.22
CA PHE A 159 -11.24 -8.15 -11.84
C PHE A 159 -12.43 -8.59 -10.97
N THR A 160 -12.70 -7.85 -9.90
CA THR A 160 -13.76 -8.23 -8.94
C THR A 160 -14.99 -7.32 -8.96
N THR A 161 -14.94 -6.23 -9.73
CA THR A 161 -16.08 -5.31 -9.90
C THR A 161 -15.93 -4.49 -11.15
N SER A 162 -17.07 -4.15 -11.74
CA SER A 162 -17.13 -3.18 -12.82
C SER A 162 -17.19 -1.74 -12.28
N GLU A 163 -17.22 -1.58 -10.96
CA GLU A 163 -17.35 -0.28 -10.29
C GLU A 163 -16.30 -0.19 -9.19
N SER A 164 -15.03 -0.27 -9.57
CA SER A 164 -13.97 -0.31 -8.60
C SER A 164 -13.83 1.02 -7.86
N THR A 165 -13.67 0.94 -6.55
CA THR A 165 -13.28 2.11 -5.78
C THR A 165 -11.85 2.57 -6.08
N ILE A 166 -11.01 1.64 -6.55
CA ILE A 166 -9.55 1.83 -6.58
C ILE A 166 -9.01 1.95 -8.02
N PHE A 167 -9.45 1.05 -8.91
CA PHE A 167 -8.73 0.86 -10.17
C PHE A 167 -9.41 1.54 -11.32
N SER A 168 -8.62 1.87 -12.35
CA SER A 168 -9.14 2.58 -13.53
C SER A 168 -10.07 1.74 -14.41
N LYS A 169 -9.85 0.42 -14.46
CA LYS A 169 -10.69 -0.46 -15.29
C LYS A 169 -11.27 -1.53 -14.38
N GLY A 170 -12.52 -1.92 -14.62
CA GLY A 170 -13.14 -2.97 -13.81
C GLY A 170 -13.98 -3.92 -14.64
N TYR A 171 -14.18 -5.16 -14.17
CA TYR A 171 -14.92 -6.18 -14.94
C TYR A 171 -15.93 -6.84 -14.02
N SER A 172 -17.14 -7.02 -14.50
CA SER A 172 -18.22 -7.52 -13.64
C SER A 172 -18.09 -9.04 -13.62
N ILE A 173 -18.77 -9.70 -12.68
CA ILE A 173 -18.76 -11.16 -12.65
C ILE A 173 -19.21 -11.76 -13.96
N ASN A 174 -20.20 -11.16 -14.64
CA ASN A 174 -20.59 -11.68 -15.95
C ASN A 174 -19.52 -11.65 -17.01
N GLU A 175 -18.68 -10.62 -16.97
CA GLU A 175 -17.59 -10.56 -17.94
C GLU A 175 -16.53 -11.64 -17.70
N ILE A 176 -16.16 -11.88 -16.44
CA ILE A 176 -15.05 -12.80 -16.24
C ILE A 176 -15.52 -14.26 -16.24
N SER A 177 -16.82 -14.48 -16.43
CA SER A 177 -17.36 -15.83 -16.41
C SER A 177 -17.57 -16.37 -17.84
N ASN A 178 -18.18 -17.55 -17.96
CA ASN A 178 -18.26 -18.24 -19.26
C ASN A 178 -19.52 -17.95 -20.07
N GLN A 184 -13.81 -19.01 -24.28
CA GLN A 184 -12.69 -19.39 -23.42
C GLN A 184 -11.47 -18.44 -23.53
N GLN A 185 -11.60 -17.42 -24.37
CA GLN A 185 -10.52 -16.45 -24.57
C GLN A 185 -10.20 -15.71 -23.28
N ASP A 186 -8.94 -15.29 -23.12
CA ASP A 186 -8.51 -14.59 -21.90
C ASP A 186 -9.27 -13.25 -21.81
N ILE A 187 -9.49 -12.79 -20.59
CA ILE A 187 -9.78 -11.37 -20.34
C ILE A 187 -8.40 -10.68 -20.17
N VAL A 188 -8.06 -9.79 -21.08
CA VAL A 188 -6.72 -9.15 -21.02
C VAL A 188 -6.90 -7.67 -20.75
N CYS A 189 -6.34 -7.22 -19.65
CA CYS A 189 -6.50 -5.82 -19.25
C CYS A 189 -5.12 -5.20 -19.37
N THR A 190 -4.99 -4.19 -20.24
CA THR A 190 -3.65 -3.68 -20.57
C THR A 190 -3.56 -2.26 -20.09
N VAL A 191 -2.53 -1.94 -19.33
CA VAL A 191 -2.32 -0.56 -18.89
C VAL A 191 -0.99 -0.06 -19.44
N LYS A 192 -0.99 1.20 -19.86
CA LYS A 192 0.22 1.85 -20.38
C LYS A 192 0.71 2.78 -19.32
N ALA A 193 1.89 2.49 -18.80
CA ALA A 193 2.37 3.16 -17.64
C ALA A 193 3.66 3.91 -17.98
N HIS A 194 3.89 4.97 -17.23
CA HIS A 194 5.08 5.80 -17.40
CA HIS A 194 5.08 5.78 -17.41
C HIS A 194 5.66 6.08 -16.03
N ALA A 195 6.77 6.83 -16.02
CA ALA A 195 7.48 7.19 -14.80
C ALA A 195 6.62 7.60 -13.65
N ASN A 196 6.91 6.99 -12.51
CA ASN A 196 6.22 7.29 -11.26
C ASN A 196 4.76 6.84 -11.18
N ASP A 197 4.25 6.19 -12.23
CA ASP A 197 2.86 5.73 -12.17
C ASP A 197 2.69 4.67 -11.09
N LEU A 198 1.62 4.79 -10.33
CA LEU A 198 1.17 3.69 -9.47
C LEU A 198 0.32 2.76 -10.34
N ILE A 199 0.59 1.46 -10.28
CA ILE A 199 -0.24 0.52 -11.07
C ILE A 199 -0.70 -0.59 -10.13
N GLY A 200 -1.77 -1.32 -10.47
CA GLY A 200 -2.04 -2.56 -9.71
C GLY A 200 -3.20 -3.34 -10.25
N PHE A 201 -3.57 -4.43 -9.59
CA PHE A 201 -4.76 -5.17 -10.00
C PHE A 201 -5.33 -5.95 -8.83
N LYS A 202 -6.57 -6.38 -8.94
CA LYS A 202 -7.16 -7.22 -7.91
C LYS A 202 -7.89 -8.35 -8.62
N CYS A 203 -7.60 -9.58 -8.21
CA CYS A 203 -8.22 -10.74 -8.77
C CYS A 203 -9.17 -11.30 -7.72
N PRO A 204 -10.16 -12.06 -8.17
CA PRO A 204 -11.07 -12.72 -7.23
C PRO A 204 -10.31 -13.60 -6.21
N SER A 205 -10.80 -13.65 -4.98
CA SER A 205 -10.04 -14.20 -3.87
C SER A 205 -9.79 -15.70 -4.05
N ASN A 206 -10.54 -16.31 -4.95
CA ASN A 206 -10.48 -17.75 -5.20
C ASN A 206 -9.39 -18.11 -6.22
N TYR A 207 -8.85 -17.11 -6.91
CA TYR A 207 -7.92 -17.35 -8.00
C TYR A 207 -6.50 -17.39 -7.52
N SER A 208 -5.64 -18.06 -8.26
CA SER A 208 -4.24 -18.00 -7.94
C SER A 208 -3.58 -17.01 -8.92
N VAL A 209 -2.42 -16.51 -8.55
CA VAL A 209 -1.76 -15.48 -9.33
C VAL A 209 -0.45 -16.06 -9.79
N GLU A 210 -0.14 -15.96 -11.07
CA GLU A 210 1.16 -16.40 -11.56
C GLU A 210 1.87 -15.29 -12.23
N PRO A 211 3.19 -15.11 -11.93
CA PRO A 211 3.87 -15.79 -10.83
C PRO A 211 3.32 -15.30 -9.48
N HIS A 212 3.47 -16.12 -8.43
CA HIS A 212 2.85 -15.83 -7.14
C HIS A 212 3.36 -14.50 -6.56
N ASP A 213 4.56 -14.10 -6.95
CA ASP A 213 5.15 -12.88 -6.42
C ASP A 213 5.14 -11.78 -7.48
N CYS A 214 4.00 -11.64 -8.15
CA CYS A 214 3.88 -10.72 -9.26
C CYS A 214 4.39 -9.35 -8.83
N PHE A 215 5.10 -8.69 -9.75
CA PHE A 215 5.80 -7.41 -9.56
C PHE A 215 7.22 -7.49 -9.00
N VAL A 216 7.50 -8.54 -8.21
CA VAL A 216 8.91 -8.91 -7.91
C VAL A 216 9.44 -9.66 -9.13
N SER A 217 8.65 -10.62 -9.58
CA SER A 217 8.86 -11.22 -10.88
C SER A 217 7.60 -11.02 -11.74
N ALA A 218 7.74 -11.07 -13.05
CA ALA A 218 6.57 -11.04 -13.96
C ALA A 218 6.97 -11.76 -15.21
N PHE A 219 6.00 -12.07 -16.06
CA PHE A 219 6.29 -12.77 -17.30
C PHE A 219 6.60 -11.77 -18.41
N ASN A 220 7.50 -12.15 -19.30
CA ASN A 220 7.84 -11.38 -20.51
C ASN A 220 6.87 -11.66 -21.63
N LEU A 221 6.28 -10.61 -22.21
CA LEU A 221 5.46 -10.77 -23.43
C LEU A 221 6.24 -11.51 -24.52
N SER A 222 7.55 -11.25 -24.58
CA SER A 222 8.45 -12.04 -25.42
C SER A 222 8.98 -13.34 -24.78
N GLY A 223 9.83 -13.21 -23.76
CA GLY A 223 10.59 -14.35 -23.21
C GLY A 223 9.94 -15.17 -22.08
N LYS A 224 10.38 -14.94 -20.83
CA LYS A 224 9.93 -15.76 -19.70
C LYS A 224 9.71 -14.98 -18.39
N ASN A 225 9.72 -15.72 -17.27
CA ASN A 225 9.83 -15.09 -15.96
C ASN A 225 11.09 -14.29 -15.84
N GLU A 226 10.94 -13.08 -15.34
CA GLU A 226 12.00 -12.10 -15.30
C GLU A 226 11.92 -11.43 -13.95
N ASN A 227 12.98 -11.48 -13.15
CA ASN A 227 12.95 -10.60 -12.02
C ASN A 227 12.92 -9.24 -12.61
N LEU A 228 11.89 -8.46 -12.28
CA LEU A 228 11.75 -7.11 -12.82
C LEU A 228 12.96 -6.27 -12.45
N LEU A 232 13.36 -3.52 -14.29
CA LEU A 232 12.58 -2.35 -13.93
C LEU A 232 12.54 -2.18 -12.42
N LYS A 233 13.05 -1.06 -11.91
CA LYS A 233 13.13 -0.83 -10.46
C LYS A 233 11.76 -0.44 -9.86
N LEU A 234 10.80 -1.37 -9.91
CA LEU A 234 9.49 -1.17 -9.28
C LEU A 234 9.63 -0.88 -7.79
N THR A 235 8.78 -0.01 -7.26
CA THR A 235 8.91 0.47 -5.90
C THR A 235 7.58 0.31 -5.17
N ASN A 236 7.63 0.36 -3.84
CA ASN A 236 6.44 0.17 -3.02
C ASN A 236 5.60 -1.01 -3.53
N ILE A 237 6.25 -2.14 -3.83
CA ILE A 237 5.54 -3.37 -4.23
C ILE A 237 4.71 -3.96 -3.10
N ILE A 238 3.43 -4.17 -3.35
CA ILE A 238 2.53 -4.74 -2.37
C ILE A 238 1.92 -5.98 -2.99
N MET A 239 2.07 -7.11 -2.32
CA MET A 239 1.46 -8.34 -2.78
C MET A 239 0.57 -8.88 -1.69
N ASP A 240 -0.67 -8.41 -1.65
CA ASP A 240 -1.62 -8.76 -0.60
C ASP A 240 -2.46 -9.99 -0.94
N HIS A 241 -1.98 -11.16 -0.51
CA HIS A 241 -2.68 -12.38 -0.84
C HIS A 241 -3.96 -12.63 -0.04
N TYR A 242 -4.23 -11.80 0.96
CA TYR A 242 -5.53 -11.86 1.66
C TYR A 242 -6.64 -11.49 0.71
N ASN A 243 -6.46 -10.37 0.00
CA ASN A 243 -7.46 -9.88 -0.95
C ASN A 243 -7.02 -9.93 -2.40
N ASN A 244 -5.94 -10.68 -2.68
CA ASN A 244 -5.43 -10.84 -4.03
C ASN A 244 -5.29 -9.49 -4.73
N THR A 245 -4.75 -8.52 -4.00
CA THR A 245 -4.54 -7.17 -4.52
C THR A 245 -3.04 -6.87 -4.57
N PHE A 246 -2.61 -6.36 -5.74
CA PHE A 246 -1.22 -6.18 -6.03
C PHE A 246 -0.99 -4.73 -6.46
N TYR A 247 0.10 -4.11 -5.99
CA TYR A 247 0.38 -2.71 -6.35
C TYR A 247 1.86 -2.59 -6.51
N SER A 248 2.27 -1.62 -7.32
CA SER A 248 3.64 -1.15 -7.29
C SER A 248 3.70 0.18 -7.99
N ARG A 249 4.87 0.81 -7.95
CA ARG A 249 5.07 2.13 -8.56
C ARG A 249 6.23 2.05 -9.58
N LEU A 250 6.02 2.62 -10.76
CA LEU A 250 7.09 2.62 -11.74
C LEU A 250 8.17 3.57 -11.22
N PRO A 251 9.42 3.31 -11.58
CA PRO A 251 10.49 4.25 -11.21
C PRO A 251 10.22 5.68 -11.74
N SER A 252 10.94 6.66 -11.20
CA SER A 252 10.88 8.04 -11.72
C SER A 252 11.61 8.17 -13.07
N LEU A 253 12.42 7.15 -13.38
CA LEU A 253 13.08 7.05 -14.67
C LEU A 253 12.85 5.67 -15.30
N ILE A 254 12.22 5.64 -16.48
CA ILE A 254 12.12 4.40 -17.28
C ILE A 254 12.93 4.52 -18.58
N SER A 255 13.96 3.71 -18.77
CA SER A 255 14.92 3.97 -19.84
C SER A 255 14.78 3.10 -21.04
N ASP A 256 13.91 2.10 -20.91
CA ASP A 256 13.72 1.09 -21.96
C ASP A 256 12.22 0.72 -21.95
N ASN A 257 11.64 0.41 -23.11
CA ASN A 257 10.25 -0.05 -23.14
C ASN A 257 10.21 -1.47 -22.61
N TRP A 258 9.31 -1.75 -21.70
CA TRP A 258 9.21 -3.09 -21.21
C TRP A 258 7.76 -3.49 -21.09
N LYS A 259 7.43 -4.68 -21.59
CA LYS A 259 6.09 -5.20 -21.40
C LYS A 259 6.18 -6.43 -20.54
N PHE A 260 5.31 -6.52 -19.55
CA PHE A 260 5.26 -7.75 -18.79
C PHE A 260 3.81 -8.02 -18.41
N PHE A 261 3.56 -9.22 -17.92
CA PHE A 261 2.22 -9.58 -17.47
C PHE A 261 2.26 -10.56 -16.31
N CYS A 262 1.12 -10.65 -15.63
CA CYS A 262 0.88 -11.66 -14.60
C CYS A 262 -0.50 -12.21 -14.87
N VAL A 263 -0.78 -13.42 -14.40
CA VAL A 263 -2.05 -14.10 -14.76
C VAL A 263 -2.75 -14.52 -13.49
N CYS A 264 -4.06 -14.34 -13.44
CA CYS A 264 -4.90 -14.92 -12.40
C CYS A 264 -5.73 -16.03 -12.98
N SER A 265 -5.85 -17.13 -12.25
CA SER A 265 -6.65 -18.24 -12.77
C SER A 265 -7.31 -19.10 -11.73
N LYS A 266 -8.27 -19.88 -12.22
CA LYS A 266 -9.08 -20.76 -11.39
C LYS A 266 -9.63 -21.80 -12.35
N ASP A 267 -9.53 -23.07 -11.96
CA ASP A 267 -9.88 -24.14 -12.88
C ASP A 267 -11.23 -23.96 -13.52
N ASN A 268 -11.29 -24.23 -14.82
CA ASN A 268 -12.46 -23.95 -15.65
C ASN A 268 -12.99 -22.52 -15.75
N GLU A 269 -12.14 -21.53 -15.47
CA GLU A 269 -12.54 -20.13 -15.68
C GLU A 269 -11.60 -19.48 -16.68
N LYS A 270 -12.11 -18.48 -17.38
CA LYS A 270 -11.28 -17.63 -18.23
C LYS A 270 -10.05 -17.18 -17.43
N LYS A 271 -8.88 -17.15 -18.07
CA LYS A 271 -7.71 -16.57 -17.38
C LYS A 271 -7.89 -15.06 -17.34
N LEU A 272 -7.38 -14.40 -16.31
CA LEU A 272 -7.42 -12.97 -16.24
C LEU A 272 -5.98 -12.46 -16.38
N VAL A 273 -5.71 -11.69 -17.43
CA VAL A 273 -4.34 -11.30 -17.75
C VAL A 273 -4.20 -9.81 -17.52
N PHE A 274 -3.24 -9.44 -16.66
CA PHE A 274 -2.90 -8.08 -16.37
C PHE A 274 -1.58 -7.81 -17.07
N THR A 275 -1.63 -6.94 -18.08
CA THR A 275 -0.46 -6.65 -18.92
C THR A 275 -0.10 -5.19 -18.80
N VAL A 276 1.21 -4.92 -18.69
CA VAL A 276 1.67 -3.57 -18.50
C VAL A 276 2.64 -3.27 -19.64
N GLU A 277 2.44 -2.13 -20.31
CA GLU A 277 3.39 -1.60 -21.25
C GLU A 277 4.01 -0.37 -20.60
N ALA A 278 5.26 -0.51 -20.16
CA ALA A 278 5.94 0.60 -19.51
C ALA A 278 6.82 1.33 -20.54
N SER A 279 6.60 2.62 -20.72
CA SER A 279 7.24 3.32 -21.82
C SER A 279 8.33 4.28 -21.32
N ILE A 280 9.34 4.44 -22.14
CA ILE A 280 10.46 5.33 -21.88
C ILE A 280 9.99 6.70 -21.42
N SER A 281 10.37 7.11 -20.22
CA SER A 281 9.93 8.38 -19.66
C SER A 281 10.67 8.85 -18.42
N SER A 282 10.40 10.08 -18.04
CA SER A 282 11.11 10.74 -16.96
C SER A 282 10.16 11.55 -16.07
N ALA A 283 10.32 11.41 -14.75
CA ALA A 283 9.56 12.23 -13.80
C ALA A 283 10.34 12.49 -12.52
#